data_4KOW
#
_entry.id   4KOW
#
_cell.length_a   57.851
_cell.length_b   76.444
_cell.length_c   39.444
_cell.angle_alpha   90.00
_cell.angle_beta   90.00
_cell.angle_gamma   90.00
#
_symmetry.space_group_name_H-M   'P 21 21 2'
#
loop_
_entity.id
_entity.type
_entity.pdbx_description
1 polymer 'Uncharacterized protein'
2 non-polymer 'SULFATE ION'
3 non-polymer CEFOXITIN
4 non-polymer 1,2-ETHANEDIOL
5 water water
#
_entity_poly.entity_id   1
_entity_poly.type   'polypeptide(L)'
_entity_poly.pdbx_seq_one_letter_code
;GHMQLSHRPAETGDLETVAGFPQDRDELFYCYPKAIWPFSVAQLAAAIAERRGSTVAVHDGQVLGFANFYQWQHGDFCAL
GNMMVAPAARGLGVARYLIGVMENLAREQYKARLMKISCFNANAAGLLLYTQLGYQPRAIAERHDPDGRRVALIQMDKPL
EP
;
_entity_poly.pdbx_strand_id   A
#
# COMPACT_ATOMS: atom_id res chain seq x y z
N MET A 3 10.79 18.45 1.99
CA MET A 3 9.66 17.53 2.34
C MET A 3 9.57 17.35 3.87
N GLN A 4 8.44 17.74 4.44
CA GLN A 4 8.18 17.62 5.89
C GLN A 4 6.92 16.77 6.08
N LEU A 5 7.07 15.46 5.97
CA LEU A 5 5.96 14.57 6.06
C LEU A 5 5.60 14.19 7.48
N SER A 6 4.31 14.02 7.71
CA SER A 6 3.74 13.52 8.95
C SER A 6 2.75 12.43 8.60
N HIS A 7 2.25 11.73 9.59
CA HIS A 7 1.30 10.68 9.37
C HIS A 7 0.28 10.66 10.48
N ARG A 8 -0.85 10.05 10.17
CA ARG A 8 -1.92 9.81 11.14
C ARG A 8 -2.85 8.75 10.57
N PRO A 9 -3.71 8.19 11.44
CA PRO A 9 -4.70 7.25 10.91
C PRO A 9 -5.62 7.97 9.91
N ALA A 10 -6.02 7.21 8.91
CA ALA A 10 -6.99 7.66 7.94
C ALA A 10 -8.34 7.99 8.60
N GLU A 11 -9.01 9.04 8.13
CA GLU A 11 -10.26 9.56 8.64
C GLU A 11 -11.27 9.63 7.49
N THR A 12 -12.57 9.65 7.83
CA THR A 12 -13.65 9.81 6.83
C THR A 12 -13.39 10.91 5.88
N GLY A 13 -12.95 12.05 6.41
CA GLY A 13 -12.75 13.18 5.57
C GLY A 13 -11.65 13.09 4.56
N ASP A 14 -10.75 12.12 4.74
CA ASP A 14 -9.69 11.84 3.75
C ASP A 14 -10.17 11.03 2.56
N LEU A 15 -11.30 10.36 2.67
N LEU A 15 -11.27 10.30 2.68
CA LEU A 15 -11.69 9.33 1.70
CA LEU A 15 -11.60 9.25 1.67
C LEU A 15 -11.77 9.88 0.28
C LEU A 15 -11.72 9.80 0.23
N GLU A 16 -12.44 11.03 0.08
N GLU A 16 -12.42 10.94 0.05
CA GLU A 16 -12.59 11.51 -1.29
CA GLU A 16 -12.58 11.49 -1.31
C GLU A 16 -11.22 11.81 -1.88
C GLU A 16 -11.21 11.81 -1.90
N THR A 17 -10.32 12.37 -1.11
CA THR A 17 -8.99 12.68 -1.60
C THR A 17 -8.24 11.45 -2.03
N VAL A 18 -8.18 10.49 -1.13
CA VAL A 18 -7.47 9.26 -1.42
C VAL A 18 -8.04 8.49 -2.61
N ALA A 19 -9.38 8.47 -2.70
CA ALA A 19 -10.01 7.78 -3.80
C ALA A 19 -9.72 8.43 -5.15
N GLY A 20 -9.29 9.69 -5.11
CA GLY A 20 -8.83 10.38 -6.32
C GLY A 20 -7.44 10.02 -6.77
N PHE A 21 -6.66 9.24 -5.99
CA PHE A 21 -5.28 8.97 -6.33
C PHE A 21 -5.06 8.08 -7.56
N PRO A 22 -5.78 6.96 -7.71
CA PRO A 22 -5.54 6.13 -8.89
C PRO A 22 -6.02 6.86 -10.16
N GLN A 23 -5.10 6.94 -11.11
CA GLN A 23 -5.37 7.70 -12.32
C GLN A 23 -5.89 6.90 -13.51
N ASP A 24 -5.82 5.60 -13.44
CA ASP A 24 -6.33 4.75 -14.51
C ASP A 24 -6.53 3.34 -14.01
N ARG A 25 -7.11 2.46 -14.81
CA ARG A 25 -7.43 1.14 -14.41
C ARG A 25 -6.21 0.40 -13.97
N ASP A 26 -5.08 0.60 -14.59
CA ASP A 26 -3.86 -0.07 -14.22
C ASP A 26 -3.43 0.30 -12.84
N GLU A 27 -3.37 1.58 -12.52
CA GLU A 27 -3.00 2.05 -11.23
C GLU A 27 -3.93 1.51 -10.18
N LEU A 28 -5.22 1.48 -10.41
CA LEU A 28 -6.15 0.93 -9.42
C LEU A 28 -5.86 -0.55 -9.23
N PHE A 29 -5.66 -1.31 -10.28
CA PHE A 29 -5.34 -2.72 -10.22
C PHE A 29 -4.10 -2.97 -9.39
N TYR A 30 -3.05 -2.17 -9.57
CA TYR A 30 -1.79 -2.38 -8.85
C TYR A 30 -1.91 -2.23 -7.39
N CYS A 31 -2.79 -1.38 -6.90
CA CYS A 31 -2.94 -1.09 -5.49
C CYS A 31 -4.15 -1.75 -4.81
N TYR A 32 -5.08 -2.23 -5.61
CA TYR A 32 -6.36 -2.72 -5.09
C TYR A 32 -7.00 -3.55 -6.14
N PRO A 33 -6.49 -4.76 -6.41
CA PRO A 33 -6.95 -5.52 -7.55
C PRO A 33 -8.43 -5.98 -7.43
N LYS A 34 -9.00 -6.06 -6.23
CA LYS A 34 -10.40 -6.42 -6.06
C LYS A 34 -11.33 -5.28 -6.47
N ALA A 35 -10.81 -4.06 -6.46
CA ALA A 35 -11.68 -2.94 -6.85
C ALA A 35 -11.99 -2.96 -8.33
N ILE A 36 -13.08 -2.26 -8.62
CA ILE A 36 -13.62 -2.13 -9.98
C ILE A 36 -13.55 -0.69 -10.40
N TRP A 37 -12.98 -0.39 -11.54
CA TRP A 37 -12.99 0.94 -12.09
C TRP A 37 -14.41 1.39 -12.56
N PRO A 38 -14.83 2.59 -12.24
CA PRO A 38 -14.11 3.66 -11.51
C PRO A 38 -14.07 3.46 -10.01
N PHE A 39 -12.99 3.92 -9.44
CA PHE A 39 -12.83 3.82 -7.97
C PHE A 39 -13.86 4.81 -7.30
N SER A 40 -14.17 4.55 -6.05
CA SER A 40 -15.15 5.28 -5.32
C SER A 40 -14.82 5.27 -3.87
N VAL A 41 -15.33 6.25 -3.16
N VAL A 41 -15.36 6.25 -3.14
CA VAL A 41 -15.19 6.26 -1.71
CA VAL A 41 -15.23 6.27 -1.68
C VAL A 41 -15.81 5.02 -1.08
C VAL A 41 -15.84 5.03 -1.03
N ALA A 42 -16.93 4.50 -1.57
CA ALA A 42 -17.49 3.28 -1.00
C ALA A 42 -16.53 2.09 -1.08
N GLN A 43 -15.83 1.96 -2.20
CA GLN A 43 -14.85 0.86 -2.36
C GLN A 43 -13.70 1.05 -1.42
N LEU A 44 -13.26 2.29 -1.24
CA LEU A 44 -12.13 2.57 -0.35
C LEU A 44 -12.57 2.27 1.08
N ALA A 45 -13.75 2.73 1.49
CA ALA A 45 -14.21 2.48 2.84
C ALA A 45 -14.36 1.00 3.11
N ALA A 46 -14.81 0.23 2.14
CA ALA A 46 -14.95 -1.20 2.32
C ALA A 46 -13.63 -1.82 2.63
N ALA A 47 -12.55 -1.41 1.94
CA ALA A 47 -11.23 -1.95 2.22
C ALA A 47 -10.80 -1.56 3.61
N ILE A 48 -10.94 -0.31 4.00
CA ILE A 48 -10.57 0.15 5.31
C ILE A 48 -11.25 -0.68 6.41
N ALA A 49 -12.54 -0.95 6.22
CA ALA A 49 -13.32 -1.67 7.22
C ALA A 49 -12.83 -3.09 7.39
N GLU A 50 -12.31 -3.73 6.37
CA GLU A 50 -11.84 -5.10 6.51
C GLU A 50 -10.39 -5.28 6.72
N ARG A 51 -9.68 -4.17 6.79
CA ARG A 51 -8.23 -4.19 6.94
C ARG A 51 -7.83 -3.56 8.26
N ARG A 52 -6.53 -3.40 8.46
N ARG A 52 -6.54 -3.39 8.45
CA ARG A 52 -6.00 -2.74 9.66
CA ARG A 52 -5.99 -2.74 9.65
C ARG A 52 -4.97 -1.70 9.27
C ARG A 52 -4.96 -1.70 9.26
N GLY A 53 -4.83 -0.71 10.13
CA GLY A 53 -3.70 0.19 10.06
C GLY A 53 -3.76 1.22 8.95
N SER A 54 -4.94 1.51 8.46
CA SER A 54 -5.03 2.51 7.36
C SER A 54 -4.51 3.89 7.85
N THR A 55 -3.54 4.38 7.11
CA THR A 55 -2.70 5.51 7.52
C THR A 55 -2.53 6.42 6.30
N VAL A 56 -2.56 7.72 6.59
CA VAL A 56 -2.25 8.71 5.58
C VAL A 56 -0.93 9.42 5.88
N ALA A 57 -0.25 9.83 4.83
CA ALA A 57 0.89 10.73 4.91
C ALA A 57 0.47 12.10 4.47
N VAL A 58 0.92 13.11 5.19
CA VAL A 58 0.51 14.52 4.99
C VAL A 58 1.73 15.39 4.81
N HIS A 59 1.68 16.36 3.89
CA HIS A 59 2.70 17.39 3.74
C HIS A 59 2.02 18.69 3.34
N ASP A 60 2.32 19.77 4.05
CA ASP A 60 1.79 21.11 3.72
C ASP A 60 0.26 21.10 3.62
N GLY A 61 -0.38 20.40 4.55
CA GLY A 61 -1.81 20.31 4.63
C GLY A 61 -2.49 19.45 3.63
N GLN A 62 -1.71 18.69 2.87
CA GLN A 62 -2.25 17.86 1.82
C GLN A 62 -2.05 16.41 2.16
N VAL A 63 -3.08 15.60 2.07
CA VAL A 63 -2.93 14.14 2.17
C VAL A 63 -2.33 13.66 0.85
N LEU A 64 -1.14 13.04 0.90
CA LEU A 64 -0.39 12.62 -0.27
C LEU A 64 -0.20 11.15 -0.44
N GLY A 65 -0.44 10.38 0.62
CA GLY A 65 -0.24 8.95 0.55
C GLY A 65 -1.18 8.23 1.48
N PHE A 66 -1.39 6.94 1.18
CA PHE A 66 -2.27 6.06 1.93
C PHE A 66 -1.69 4.64 1.82
N ALA A 67 -1.87 3.87 2.92
CA ALA A 67 -1.57 2.44 2.91
C ALA A 67 -2.27 1.75 4.09
N ASN A 68 -2.31 0.42 4.02
CA ASN A 68 -2.86 -0.37 5.11
C ASN A 68 -2.31 -1.77 5.05
N PHE A 69 -2.76 -2.57 6.02
CA PHE A 69 -2.41 -3.99 6.04
C PHE A 69 -3.64 -4.81 5.67
N TYR A 70 -3.43 -5.73 4.72
CA TYR A 70 -4.51 -6.70 4.40
C TYR A 70 -4.35 -8.10 4.99
N GLN A 71 -3.16 -8.33 5.55
CA GLN A 71 -2.89 -9.49 6.36
C GLN A 71 -2.10 -9.02 7.55
N TRP A 72 -2.35 -9.67 8.70
CA TRP A 72 -1.68 -9.33 9.97
C TRP A 72 -1.74 -10.56 10.84
N GLN A 73 -0.59 -10.91 11.40
CA GLN A 73 -0.49 -12.12 12.25
C GLN A 73 0.52 -11.73 13.33
N HIS A 74 -0.01 -11.56 14.54
N HIS A 74 0.00 -11.56 14.53
CA HIS A 74 0.75 -11.09 15.70
CA HIS A 74 0.77 -11.08 15.67
C HIS A 74 1.95 -11.97 15.95
C HIS A 74 1.97 -11.98 15.93
N GLY A 75 3.10 -11.34 16.16
CA GLY A 75 4.34 -12.06 16.36
C GLY A 75 4.99 -12.59 15.10
N ASP A 76 4.40 -12.33 13.92
CA ASP A 76 4.76 -13.03 12.70
C ASP A 76 5.04 -12.00 11.60
N PHE A 77 4.00 -11.50 10.91
CA PHE A 77 4.15 -10.63 9.76
C PHE A 77 2.93 -9.80 9.61
N CYS A 78 3.09 -8.77 8.77
CA CYS A 78 2.01 -8.04 8.13
C CYS A 78 2.25 -7.97 6.66
N ALA A 79 1.13 -7.83 5.90
CA ALA A 79 1.18 -7.64 4.41
C ALA A 79 0.64 -6.25 4.12
N LEU A 80 1.45 -5.44 3.49
N LEU A 80 1.44 -5.47 3.46
CA LEU A 80 1.14 -4.05 3.19
CA LEU A 80 1.14 -4.07 3.16
C LEU A 80 0.54 -3.92 1.81
C LEU A 80 0.52 -3.92 1.80
N GLY A 81 -0.61 -3.23 1.73
CA GLY A 81 -1.25 -2.97 0.43
C GLY A 81 -2.00 -1.63 0.43
N ASN A 82 -2.81 -1.50 -0.64
CA ASN A 82 -3.51 -0.25 -0.96
C ASN A 82 -2.54 0.93 -0.95
N MET A 83 -1.29 0.72 -1.42
N MET A 83 -1.31 0.73 -1.43
CA MET A 83 -0.30 1.81 -1.39
CA MET A 83 -0.33 1.81 -1.41
C MET A 83 -0.60 2.76 -2.52
C MET A 83 -0.61 2.76 -2.54
N MET A 84 -1.01 3.97 -2.17
CA MET A 84 -1.46 4.99 -3.13
C MET A 84 -0.77 6.29 -2.82
N VAL A 85 -0.43 7.01 -3.88
CA VAL A 85 0.25 8.30 -3.79
C VAL A 85 -0.45 9.27 -4.74
N ALA A 86 -0.65 10.42 -4.26
CA ALA A 86 -1.23 11.56 -5.01
C ALA A 86 -0.44 11.79 -6.32
N PRO A 87 -1.15 11.98 -7.45
CA PRO A 87 -0.44 12.12 -8.70
C PRO A 87 0.51 13.34 -8.79
N ALA A 88 0.21 14.39 -8.09
CA ALA A 88 1.17 15.51 -8.11
C ALA A 88 2.40 15.32 -7.22
N ALA A 89 2.40 14.27 -6.40
CA ALA A 89 3.45 14.00 -5.44
C ALA A 89 4.23 12.69 -5.73
N ARG A 90 4.20 12.21 -6.95
CA ARG A 90 4.89 10.98 -7.29
C ARG A 90 6.43 11.14 -7.37
N GLY A 91 7.15 10.15 -6.90
CA GLY A 91 8.63 10.21 -6.97
C GLY A 91 9.31 11.15 -5.99
N LEU A 92 8.60 11.64 -5.01
CA LEU A 92 9.15 12.60 -4.06
C LEU A 92 9.41 11.98 -2.70
N GLY A 93 9.24 10.70 -2.58
CA GLY A 93 9.51 10.02 -1.29
C GLY A 93 8.36 9.73 -0.41
N VAL A 94 7.15 9.99 -0.86
CA VAL A 94 5.98 9.76 -0.03
C VAL A 94 5.81 8.26 0.23
N ALA A 95 5.94 7.40 -0.77
CA ALA A 95 5.72 6.00 -0.52
C ALA A 95 6.80 5.44 0.38
N ARG A 96 8.04 5.82 0.11
CA ARG A 96 9.17 5.40 0.98
CA ARG A 96 9.17 5.40 0.99
C ARG A 96 8.95 5.80 2.48
N TYR A 97 8.48 7.02 2.67
CA TYR A 97 8.17 7.51 4.01
C TYR A 97 7.07 6.66 4.63
N LEU A 98 5.99 6.44 3.91
CA LEU A 98 4.85 5.76 4.49
C LEU A 98 5.17 4.30 4.72
N ILE A 99 5.94 3.65 3.83
CA ILE A 99 6.34 2.29 4.06
C ILE A 99 7.17 2.22 5.34
N GLY A 100 8.05 3.17 5.60
CA GLY A 100 8.77 3.15 6.85
C GLY A 100 7.90 3.28 8.06
N VAL A 101 6.88 4.14 7.99
CA VAL A 101 5.91 4.29 9.08
C VAL A 101 5.19 2.96 9.28
N MET A 102 4.78 2.31 8.22
CA MET A 102 4.04 1.04 8.33
C MET A 102 4.94 -0.08 8.85
N GLU A 103 6.21 -0.08 8.52
CA GLU A 103 7.17 -1.03 9.17
C GLU A 103 7.25 -0.85 10.67
N ASN A 104 7.35 0.44 11.17
CA ASN A 104 7.30 0.70 12.55
C ASN A 104 6.00 0.23 13.16
N LEU A 105 4.85 0.46 12.50
CA LEU A 105 3.59 -0.01 13.05
C LEU A 105 3.51 -1.50 13.16
N ALA A 106 3.97 -2.19 12.13
CA ALA A 106 3.98 -3.64 12.15
C ALA A 106 4.83 -4.16 13.32
N ARG A 107 6.01 -3.61 13.47
CA ARG A 107 6.94 -4.04 14.61
CA ARG A 107 6.90 -4.07 14.62
C ARG A 107 6.33 -3.80 16.00
N GLU A 108 5.89 -2.57 16.10
CA GLU A 108 5.38 -2.04 17.42
CA GLU A 108 5.40 -2.07 17.42
C GLU A 108 4.01 -2.60 17.84
N GLN A 109 3.05 -2.56 16.97
CA GLN A 109 1.70 -3.01 17.26
C GLN A 109 1.49 -4.52 17.10
N TYR A 110 2.09 -5.13 16.06
CA TYR A 110 1.82 -6.50 15.75
C TYR A 110 2.98 -7.41 16.10
N LYS A 111 4.07 -6.83 16.59
CA LYS A 111 5.28 -7.59 16.94
C LYS A 111 5.76 -8.40 15.75
N ALA A 112 5.56 -7.88 14.56
CA ALA A 112 5.94 -8.56 13.35
C ALA A 112 7.46 -8.65 13.19
N ARG A 113 7.94 -9.80 12.70
CA ARG A 113 9.32 -9.96 12.33
C ARG A 113 9.56 -9.74 10.88
N LEU A 114 8.48 -9.65 10.08
CA LEU A 114 8.59 -9.61 8.61
C LEU A 114 7.47 -8.74 8.09
N MET A 115 7.75 -7.99 7.00
CA MET A 115 6.72 -7.34 6.20
C MET A 115 6.71 -8.01 4.86
N LYS A 116 5.52 -8.37 4.40
CA LYS A 116 5.27 -8.85 3.01
C LYS A 116 4.73 -7.70 2.15
N ILE A 117 5.24 -7.61 0.95
CA ILE A 117 4.67 -6.70 -0.07
C ILE A 117 4.61 -7.51 -1.32
N SER A 118 3.44 -7.53 -1.98
N SER A 118 3.44 -7.57 -1.96
CA SER A 118 3.22 -8.15 -3.25
CA SER A 118 3.38 -8.16 -3.27
C SER A 118 2.99 -7.07 -4.28
C SER A 118 3.00 -7.09 -4.27
N CYS A 119 3.63 -7.18 -5.40
CA CYS A 119 3.59 -6.16 -6.45
C CYS A 119 3.38 -6.80 -7.80
N PHE A 120 2.48 -6.25 -8.61
CA PHE A 120 2.23 -6.78 -9.93
C PHE A 120 3.38 -6.52 -10.86
N ASN A 121 3.61 -7.45 -11.80
CA ASN A 121 4.78 -7.37 -12.66
C ASN A 121 4.86 -6.08 -13.47
N ALA A 122 3.74 -5.50 -13.90
CA ALA A 122 3.82 -4.32 -14.75
C ALA A 122 4.23 -3.06 -14.02
N ASN A 123 4.16 -3.08 -12.70
CA ASN A 123 4.47 -1.93 -11.91
C ASN A 123 5.97 -1.84 -11.60
N ALA A 124 6.74 -1.47 -12.62
CA ALA A 124 8.19 -1.39 -12.48
C ALA A 124 8.61 -0.45 -11.37
N ALA A 125 7.95 0.71 -11.28
CA ALA A 125 8.31 1.67 -10.26
C ALA A 125 8.16 1.09 -8.87
N GLY A 126 7.11 0.32 -8.65
CA GLY A 126 6.92 -0.34 -7.37
C GLY A 126 8.00 -1.37 -7.09
N LEU A 127 8.27 -2.19 -8.10
CA LEU A 127 9.28 -3.23 -7.88
C LEU A 127 10.60 -2.64 -7.54
N LEU A 128 10.99 -1.57 -8.18
CA LEU A 128 12.28 -0.90 -7.92
C LEU A 128 12.29 -0.19 -6.56
N LEU A 129 11.18 0.44 -6.18
N LEU A 129 11.19 0.44 -6.19
CA LEU A 129 11.06 1.07 -4.87
CA LEU A 129 11.12 1.06 -4.90
C LEU A 129 11.19 0.05 -3.76
C LEU A 129 11.23 0.04 -3.79
N TYR A 130 10.44 -1.04 -3.86
CA TYR A 130 10.52 -2.02 -2.76
C TYR A 130 11.90 -2.63 -2.72
N THR A 131 12.53 -2.84 -3.87
CA THR A 131 13.93 -3.32 -3.88
C THR A 131 14.87 -2.33 -3.17
N GLN A 132 14.72 -1.04 -3.45
CA GLN A 132 15.58 -0.04 -2.78
C GLN A 132 15.38 -0.03 -1.28
N LEU A 133 14.19 -0.39 -0.82
CA LEU A 133 13.88 -0.42 0.62
C LEU A 133 14.23 -1.72 1.29
N GLY A 134 14.84 -2.61 0.51
CA GLY A 134 15.42 -3.85 1.13
C GLY A 134 14.50 -5.05 1.02
N TYR A 135 13.37 -4.95 0.32
CA TYR A 135 12.51 -6.10 0.08
C TYR A 135 13.14 -7.01 -0.98
N GLN A 136 13.05 -8.33 -0.78
CA GLN A 136 13.56 -9.31 -1.70
C GLN A 136 12.45 -10.19 -2.24
N PRO A 137 12.55 -10.61 -3.51
CA PRO A 137 11.52 -11.45 -4.09
C PRO A 137 11.57 -12.85 -3.59
N ARG A 138 10.47 -13.42 -3.25
CA ARG A 138 10.42 -14.79 -2.73
C ARG A 138 9.66 -15.75 -3.62
N ALA A 139 8.63 -15.26 -4.28
CA ALA A 139 7.85 -16.13 -5.14
C ALA A 139 7.15 -15.26 -6.18
N ILE A 140 6.66 -15.95 -7.20
CA ILE A 140 5.81 -15.37 -8.24
C ILE A 140 4.55 -16.21 -8.36
N ALA A 141 3.40 -15.51 -8.23
CA ALA A 141 2.09 -16.15 -8.25
C ALA A 141 1.33 -15.63 -9.47
N GLU A 142 0.57 -16.51 -10.06
CA GLU A 142 -0.30 -16.16 -11.18
C GLU A 142 -1.55 -15.50 -10.64
N ARG A 143 -1.95 -14.40 -11.30
CA ARG A 143 -3.22 -13.75 -11.05
C ARG A 143 -3.79 -13.35 -12.40
N HIS A 144 -5.04 -12.93 -12.39
CA HIS A 144 -5.75 -12.48 -13.58
C HIS A 144 -6.23 -11.04 -13.45
N ASP A 145 -6.04 -10.26 -14.48
CA ASP A 145 -6.44 -8.87 -14.52
C ASP A 145 -7.91 -8.76 -14.99
N PRO A 146 -8.49 -7.57 -15.02
CA PRO A 146 -9.91 -7.44 -15.32
C PRO A 146 -10.31 -7.89 -16.70
N ASP A 147 -9.36 -7.97 -17.62
CA ASP A 147 -9.62 -8.43 -18.99
C ASP A 147 -9.42 -9.91 -19.10
N GLY A 148 -9.19 -10.57 -17.97
CA GLY A 148 -8.91 -12.00 -17.98
C GLY A 148 -7.55 -12.41 -18.42
N ARG A 149 -6.61 -11.47 -18.44
CA ARG A 149 -5.26 -11.76 -18.90
C ARG A 149 -4.42 -12.19 -17.71
N ARG A 150 -3.52 -13.10 -17.91
CA ARG A 150 -2.62 -13.55 -16.88
C ARG A 150 -1.54 -12.52 -16.57
N VAL A 151 -1.35 -12.26 -15.28
CA VAL A 151 -0.33 -11.38 -14.76
C VAL A 151 0.45 -12.11 -13.71
N ALA A 152 1.61 -11.59 -13.40
CA ALA A 152 2.51 -12.19 -12.38
C ALA A 152 2.58 -11.30 -11.16
N LEU A 153 2.26 -11.86 -10.00
CA LEU A 153 2.34 -11.16 -8.75
C LEU A 153 3.64 -11.53 -8.09
N ILE A 154 4.50 -10.53 -7.92
N ILE A 154 4.49 -10.53 -7.92
CA ILE A 154 5.84 -10.74 -7.34
CA ILE A 154 5.83 -10.74 -7.34
C ILE A 154 5.73 -10.57 -5.86
C ILE A 154 5.74 -10.56 -5.86
N GLN A 155 5.90 -11.64 -5.10
CA GLN A 155 5.69 -11.68 -3.65
C GLN A 155 7.04 -11.47 -2.99
N MET A 156 7.20 -10.34 -2.32
CA MET A 156 8.46 -9.89 -1.74
C MET A 156 8.29 -9.83 -0.21
N ASP A 157 9.44 -9.80 0.50
CA ASP A 157 9.41 -9.62 1.94
C ASP A 157 10.68 -8.97 2.42
N LYS A 158 10.66 -8.61 3.73
CA LYS A 158 11.78 -7.90 4.33
C LYS A 158 11.72 -8.16 5.84
N PRO A 159 12.85 -8.56 6.48
CA PRO A 159 12.82 -8.69 7.93
C PRO A 159 12.76 -7.31 8.57
N LEU A 160 12.08 -7.20 9.70
CA LEU A 160 11.90 -5.89 10.39
C LEU A 160 12.85 -5.77 11.53
N GLU A 161 13.45 -4.60 11.73
CA GLU A 161 14.46 -4.51 12.82
C GLU A 161 14.16 -3.31 13.70
#